data_5W7Q
#
_entry.id   5W7Q
#
_cell.length_a   40.476
_cell.length_b   104.046
_cell.length_c   43.833
_cell.angle_alpha   90.000
_cell.angle_beta   111.270
_cell.angle_gamma   90.000
#
_symmetry.space_group_name_H-M   'P 1 21 1'
#
loop_
_entity.id
_entity.type
_entity.pdbx_description
1 polymer 'Consensus Elongation Factor'
2 non-polymer 'MAGNESIUM ION'
3 non-polymer "GUANOSINE-5'-DIPHOSPHATE"
4 water water
#
_entity_poly.entity_id   1
_entity_poly.type   'polypeptide(L)'
_entity_poly.pdbx_seq_one_letter_code
;RTKPHVNIGTIGHVDHGKTTLTAAITTVLAKKGGAEAKAYDQIDNAPEEKARGITINTAHVEYETENRHYAHVDCPGHAD
YVKNMITGAAQMDGAILVVSAADGPMPQTREHILLARQVGVPYIVVFLNKCDMVDDEELLELVEMEVRELLSEYDFPGDD
IPIIRGSALKALEGDAEWEDKILELMDAVDSYIPTPERDIDKPFLMPIEDVFSISGRGTVVTGRVERGIVKVGEEVEIVG
IKDTQKTTVTGVEMVGALLRGTKREDVERGQVLAKPGSITPHTKFEAEVYVLSKEEGGRHTPFFNGYRPQFYFRTTDVTG
VIELPEGVEMVMPGDNVKMTVELIAPIAMEEGLRFAIREGGRTVGAGVVSKII
;
_entity_poly.pdbx_strand_id   A
#
loop_
_chem_comp.id
_chem_comp.type
_chem_comp.name
_chem_comp.formula
GDP RNA linking GUANOSINE-5'-DIPHOSPHATE 'C10 H15 N5 O11 P2'
MG non-polymer 'MAGNESIUM ION' 'Mg 2'
#
# COMPACT_ATOMS: atom_id res chain seq x y z
N ARG A 1 5.86 11.94 -24.90
CA ARG A 1 7.02 11.18 -24.45
C ARG A 1 6.71 10.53 -23.10
N THR A 2 6.58 11.35 -22.06
CA THR A 2 6.24 10.83 -20.75
C THR A 2 4.93 10.05 -20.81
N LYS A 3 4.96 8.84 -20.27
CA LYS A 3 3.83 7.93 -20.33
C LYS A 3 3.09 7.91 -18.99
N PRO A 4 1.78 7.63 -19.00
CA PRO A 4 1.08 7.40 -17.73
C PRO A 4 1.81 6.38 -16.87
N HIS A 5 1.73 6.57 -15.56
CA HIS A 5 2.49 5.78 -14.58
C HIS A 5 1.56 4.82 -13.86
N VAL A 6 2.10 3.65 -13.50
CA VAL A 6 1.36 2.64 -12.76
C VAL A 6 2.31 1.95 -11.79
N ASN A 7 1.94 1.90 -10.52
CA ASN A 7 2.70 1.19 -9.50
C ASN A 7 2.14 -0.23 -9.38
N ILE A 8 3.02 -1.22 -9.56
CA ILE A 8 2.63 -2.63 -9.49
C ILE A 8 3.71 -3.41 -8.75
N GLY A 9 3.44 -4.70 -8.54
CA GLY A 9 4.39 -5.58 -7.89
C GLY A 9 3.90 -7.01 -7.95
N THR A 10 4.82 -7.93 -7.66
CA THR A 10 4.56 -9.35 -7.71
C THR A 10 4.22 -9.87 -6.32
N ILE A 11 2.99 -10.34 -6.14
CA ILE A 11 2.58 -11.00 -4.90
C ILE A 11 2.37 -12.48 -5.19
N GLY A 12 2.49 -13.27 -4.14
CA GLY A 12 2.25 -14.70 -4.24
C GLY A 12 3.06 -15.46 -3.21
N HIS A 13 2.78 -16.76 -3.13
CA HIS A 13 3.46 -17.63 -2.19
C HIS A 13 4.94 -17.73 -2.53
N VAL A 14 5.73 -18.04 -1.50
CA VAL A 14 7.17 -18.15 -1.69
C VAL A 14 7.50 -19.24 -2.70
N ASP A 15 8.49 -18.99 -3.54
CA ASP A 15 9.04 -19.92 -4.52
C ASP A 15 8.09 -20.24 -5.65
N HIS A 16 7.03 -19.46 -5.83
CA HIS A 16 6.14 -19.61 -6.99
C HIS A 16 6.62 -18.84 -8.21
N GLY A 17 7.65 -18.02 -8.07
CA GLY A 17 8.29 -17.38 -9.21
C GLY A 17 8.13 -15.88 -9.29
N LYS A 18 7.98 -15.22 -8.12
CA LYS A 18 7.84 -13.77 -8.12
C LYS A 18 9.07 -13.08 -8.66
N THR A 19 10.25 -13.46 -8.16
CA THR A 19 11.48 -12.78 -8.55
C THR A 19 11.89 -13.16 -9.96
N THR A 20 11.70 -14.43 -10.34
CA THR A 20 12.00 -14.84 -11.71
C THR A 20 11.14 -14.08 -12.71
N LEU A 21 9.85 -13.91 -12.40
CA LEU A 21 8.97 -13.18 -13.29
C LEU A 21 9.40 -11.72 -13.41
N THR A 22 9.77 -11.09 -12.30
CA THR A 22 10.27 -9.72 -12.35
C THR A 22 11.47 -9.61 -13.27
N ALA A 23 12.41 -10.56 -13.18
CA ALA A 23 13.57 -10.56 -14.06
C ALA A 23 13.16 -10.82 -15.51
N ALA A 24 12.16 -11.67 -15.72
CA ALA A 24 11.73 -12.01 -17.06
C ALA A 24 11.04 -10.83 -17.76
N ILE A 25 10.28 -10.03 -17.01
CA ILE A 25 9.61 -8.89 -17.60
C ILE A 25 10.63 -7.87 -18.12
N THR A 26 11.60 -7.51 -17.28
CA THR A 26 12.61 -6.54 -17.70
C THR A 26 13.46 -7.09 -18.84
N THR A 27 13.81 -8.38 -18.78
CA THR A 27 14.68 -8.95 -19.80
C THR A 27 13.98 -9.00 -21.16
N VAL A 28 12.68 -9.31 -21.17
CA VAL A 28 11.95 -9.38 -22.43
C VAL A 28 11.69 -7.99 -22.99
N LEU A 29 11.31 -7.04 -22.13
CA LEU A 29 11.00 -5.69 -22.61
C LEU A 29 12.26 -4.92 -23.00
N ALA A 30 13.43 -5.31 -22.49
CA ALA A 30 14.67 -4.70 -22.96
C ALA A 30 14.89 -4.96 -24.44
N LYS A 31 14.32 -6.04 -24.97
CA LYS A 31 14.46 -6.33 -26.40
C LYS A 31 13.61 -5.40 -27.25
N LYS A 32 12.60 -4.76 -26.66
CA LYS A 32 11.83 -3.71 -27.32
C LYS A 32 12.29 -2.32 -26.91
N GLY A 33 13.45 -2.21 -26.26
CA GLY A 33 13.91 -0.93 -25.78
C GLY A 33 13.05 -0.34 -24.68
N GLY A 34 12.25 -1.15 -24.02
CA GLY A 34 11.34 -0.68 -23.00
C GLY A 34 11.83 -0.84 -21.57
N ALA A 35 13.03 -1.36 -21.35
CA ALA A 35 13.52 -1.57 -20.01
C ALA A 35 14.99 -1.90 -20.05
N GLU A 36 15.66 -1.65 -18.92
CA GLU A 36 17.01 -2.13 -18.68
C GLU A 36 16.94 -3.47 -17.97
N ALA A 37 17.50 -4.51 -18.58
CA ALA A 37 17.34 -5.86 -18.07
C ALA A 37 17.99 -6.00 -16.69
N LYS A 38 17.30 -6.70 -15.79
CA LYS A 38 17.77 -6.93 -14.44
C LYS A 38 17.87 -8.44 -14.21
N ALA A 39 18.96 -8.87 -13.61
CA ALA A 39 19.20 -10.29 -13.39
C ALA A 39 18.42 -10.78 -12.17
N TYR A 40 18.28 -12.11 -12.09
CA TYR A 40 17.51 -12.71 -11.00
C TYR A 40 18.10 -12.37 -9.65
N ASP A 41 19.43 -12.35 -9.53
CA ASP A 41 20.05 -12.13 -8.23
C ASP A 41 20.01 -10.67 -7.79
N GLN A 42 19.94 -9.73 -8.73
CA GLN A 42 19.76 -8.33 -8.36
C GLN A 42 18.45 -8.13 -7.62
N ILE A 43 17.37 -8.70 -8.15
CA ILE A 43 16.05 -8.52 -7.57
C ILE A 43 15.88 -9.39 -6.32
N ASP A 44 16.46 -10.58 -6.34
CA ASP A 44 16.33 -11.48 -5.20
C ASP A 44 17.00 -10.91 -3.95
N ASN A 45 18.20 -10.36 -4.11
CA ASN A 45 18.90 -9.69 -2.99
C ASN A 45 18.47 -8.22 -3.00
N ALA A 46 17.33 -7.97 -2.37
CA ALA A 46 16.69 -6.67 -2.44
C ALA A 46 17.34 -5.68 -1.47
N PRO A 47 17.35 -4.38 -1.83
CA PRO A 47 17.82 -3.35 -0.88
C PRO A 47 16.93 -3.24 0.34
N GLU A 48 17.24 -2.33 1.25
CA GLU A 48 16.46 -2.10 2.46
C GLU A 48 15.88 -0.70 2.44
N GLU A 49 14.57 -0.61 2.66
CA GLU A 49 13.89 0.67 2.84
C GLU A 49 13.32 0.76 4.25
N LYS A 50 13.12 1.99 4.71
CA LYS A 50 12.52 2.23 6.01
C LYS A 50 11.47 3.33 5.94
N GLY A 53 9.52 3.68 10.74
CA GLY A 53 10.61 3.11 11.49
C GLY A 53 10.60 1.59 11.43
N ILE A 54 10.65 1.05 10.22
CA ILE A 54 10.46 -0.38 9.99
C ILE A 54 11.29 -0.78 8.78
N THR A 55 12.04 -1.87 8.91
CA THR A 55 12.92 -2.34 7.84
C THR A 55 12.15 -3.24 6.89
N ILE A 56 12.23 -2.94 5.59
CA ILE A 56 11.56 -3.73 4.57
C ILE A 56 12.56 -3.97 3.44
N ASN A 57 12.68 -5.22 3.00
CA ASN A 57 13.52 -5.57 1.86
C ASN A 57 12.66 -5.52 0.60
N THR A 58 12.89 -4.51 -0.24
CA THR A 58 12.09 -4.26 -1.43
C THR A 58 13.00 -3.99 -2.61
N ALA A 59 12.79 -4.73 -3.70
CA ALA A 59 13.49 -4.50 -4.96
C ALA A 59 12.62 -3.66 -5.88
N HIS A 60 13.25 -2.69 -6.55
CA HIS A 60 12.56 -1.76 -7.43
C HIS A 60 13.14 -1.91 -8.83
N VAL A 61 12.28 -2.27 -9.79
CA VAL A 61 12.65 -2.28 -11.20
C VAL A 61 11.66 -1.40 -11.95
N GLU A 62 12.12 -0.85 -13.07
CA GLU A 62 11.31 0.02 -13.91
C GLU A 62 11.26 -0.56 -15.31
N TYR A 63 10.13 -0.37 -15.98
CA TYR A 63 10.02 -0.77 -17.38
C TYR A 63 8.81 -0.07 -18.00
N GLU A 64 8.79 -0.09 -19.33
CA GLU A 64 7.74 0.55 -20.09
C GLU A 64 7.23 -0.40 -21.16
N THR A 65 5.91 -0.46 -21.29
CA THR A 65 5.31 -0.86 -22.55
C THR A 65 5.28 0.35 -23.47
N GLU A 66 4.72 0.19 -24.67
CA GLU A 66 4.64 1.34 -25.54
C GLU A 66 3.61 2.36 -25.07
N ASN A 67 2.80 2.01 -24.07
CA ASN A 67 1.75 2.89 -23.57
C ASN A 67 2.06 3.48 -22.20
N ARG A 68 2.66 2.72 -21.30
CA ARG A 68 2.74 3.11 -19.90
C ARG A 68 4.13 2.84 -19.32
N HIS A 69 4.40 3.53 -18.22
CA HIS A 69 5.61 3.34 -17.44
C HIS A 69 5.23 2.71 -16.10
N TYR A 70 5.92 1.64 -15.74
CA TYR A 70 5.57 0.86 -14.55
C TYR A 70 6.70 0.93 -13.54
N ALA A 71 6.35 1.21 -12.29
CA ALA A 71 7.26 1.08 -11.15
C ALA A 71 6.92 -0.23 -10.46
N HIS A 72 7.83 -1.20 -10.53
CA HIS A 72 7.54 -2.57 -10.13
C HIS A 72 8.30 -2.90 -8.85
N VAL A 73 7.60 -3.57 -7.92
CA VAL A 73 8.12 -3.84 -6.59
C VAL A 73 8.07 -5.34 -6.35
N ASP A 74 9.18 -5.89 -5.85
CA ASP A 74 9.30 -7.31 -5.53
C ASP A 74 10.04 -7.44 -4.21
N CYS A 75 9.60 -8.39 -3.37
CA CYS A 75 10.17 -8.57 -2.05
C CYS A 75 10.61 -10.02 -1.86
N PRO A 76 11.67 -10.26 -1.05
CA PRO A 76 12.18 -11.64 -0.90
C PRO A 76 11.25 -12.57 -0.12
N GLY A 77 10.85 -12.15 1.08
CA GLY A 77 10.13 -13.02 1.98
C GLY A 77 8.68 -12.57 2.20
N HIS A 78 7.90 -13.48 2.79
CA HIS A 78 6.51 -13.16 3.09
C HIS A 78 6.40 -11.97 4.03
N ALA A 79 7.28 -11.92 5.04
CA ALA A 79 7.24 -10.81 6.00
C ALA A 79 7.32 -9.47 5.26
N ASP A 80 8.25 -9.37 4.31
CA ASP A 80 8.41 -8.11 3.59
C ASP A 80 7.12 -7.70 2.87
N TYR A 81 6.40 -8.69 2.32
CA TYR A 81 5.16 -8.38 1.61
C TYR A 81 4.09 -7.87 2.57
N VAL A 82 4.00 -8.46 3.76
CA VAL A 82 3.02 -7.99 4.74
C VAL A 82 3.34 -6.56 5.14
N LYS A 83 4.62 -6.26 5.38
CA LYS A 83 4.99 -4.92 5.82
C LYS A 83 4.90 -3.91 4.68
N ASN A 84 5.34 -4.30 3.48
CA ASN A 84 5.30 -3.36 2.36
C ASN A 84 3.87 -2.98 2.02
N MET A 85 2.96 -3.94 2.05
CA MET A 85 1.56 -3.66 1.73
C MET A 85 0.86 -2.90 2.85
N ILE A 86 1.34 -3.03 4.09
CA ILE A 86 0.74 -2.35 5.23
C ILE A 86 1.32 -0.95 5.35
N THR A 87 2.63 -0.85 5.51
CA THR A 87 3.25 0.46 5.64
C THR A 87 3.06 1.32 4.39
N GLY A 88 2.71 0.70 3.26
CA GLY A 88 2.58 1.44 2.03
C GLY A 88 3.88 2.03 1.53
N ALA A 89 5.00 1.37 1.81
CA ALA A 89 6.30 1.90 1.39
C ALA A 89 6.31 2.21 -0.10
N ALA A 90 5.75 1.31 -0.90
CA ALA A 90 5.58 1.53 -2.35
C ALA A 90 4.19 1.01 -2.69
N GLN A 91 3.19 1.86 -2.46
CA GLN A 91 1.81 1.42 -2.62
C GLN A 91 1.47 1.24 -4.10
N MET A 92 0.58 0.29 -4.37
CA MET A 92 0.37 -0.26 -5.69
C MET A 92 -1.04 0.05 -6.18
N ASP A 93 -1.16 0.42 -7.45
CA ASP A 93 -2.46 0.52 -8.12
C ASP A 93 -2.88 -0.80 -8.76
N GLY A 94 -2.06 -1.84 -8.62
CA GLY A 94 -2.36 -3.15 -9.15
C GLY A 94 -1.28 -4.11 -8.76
N ALA A 95 -1.59 -5.40 -8.83
CA ALA A 95 -0.65 -6.43 -8.40
C ALA A 95 -0.71 -7.62 -9.33
N ILE A 96 0.46 -8.13 -9.67
CA ILE A 96 0.59 -9.35 -10.45
C ILE A 96 0.68 -10.52 -9.47
N LEU A 97 -0.36 -11.34 -9.43
CA LEU A 97 -0.41 -12.50 -8.54
C LEU A 97 0.22 -13.68 -9.24
N VAL A 98 1.34 -14.16 -8.71
CA VAL A 98 2.06 -15.30 -9.27
C VAL A 98 1.64 -16.55 -8.50
N VAL A 99 1.18 -17.57 -9.24
CA VAL A 99 0.74 -18.83 -8.65
C VAL A 99 1.39 -19.97 -9.43
N SER A 100 1.98 -20.91 -8.70
CA SER A 100 2.62 -22.06 -9.33
C SER A 100 1.56 -23.01 -9.88
N ALA A 101 1.74 -23.41 -11.14
CA ALA A 101 0.83 -24.36 -11.76
C ALA A 101 0.96 -25.75 -11.14
N ALA A 102 2.16 -26.11 -10.71
CA ALA A 102 2.37 -27.42 -10.09
C ALA A 102 1.84 -27.48 -8.67
N ASP A 103 1.95 -26.38 -7.92
CA ASP A 103 1.54 -26.37 -6.52
C ASP A 103 0.12 -25.86 -6.32
N GLY A 104 -0.33 -24.92 -7.15
CA GLY A 104 -1.64 -24.34 -6.99
C GLY A 104 -1.66 -23.28 -5.90
N PRO A 105 -2.84 -22.74 -5.61
CA PRO A 105 -2.93 -21.70 -4.58
C PRO A 105 -2.57 -22.25 -3.19
N MET A 106 -1.83 -21.45 -2.43
CA MET A 106 -1.36 -21.81 -1.10
C MET A 106 -1.83 -20.72 -0.13
N PRO A 107 -1.54 -20.81 1.17
CA PRO A 107 -2.12 -19.81 2.08
C PRO A 107 -1.55 -18.41 1.89
N GLN A 108 -0.26 -18.28 1.55
CA GLN A 108 0.28 -16.95 1.27
C GLN A 108 -0.40 -16.34 0.06
N THR A 109 -0.82 -17.18 -0.91
CA THR A 109 -1.67 -16.69 -1.98
C THR A 109 -2.97 -16.14 -1.41
N ARG A 110 -3.57 -16.86 -0.46
CA ARG A 110 -4.77 -16.38 0.21
C ARG A 110 -4.47 -15.12 1.02
N GLU A 111 -3.37 -15.13 1.77
CA GLU A 111 -3.04 -13.98 2.62
C GLU A 111 -2.77 -12.73 1.78
N HIS A 112 -2.04 -12.89 0.68
CA HIS A 112 -1.71 -11.73 -0.14
C HIS A 112 -2.95 -11.17 -0.85
N ILE A 113 -3.90 -12.04 -1.20
CA ILE A 113 -5.14 -11.55 -1.80
C ILE A 113 -6.00 -10.85 -0.76
N LEU A 114 -6.19 -11.48 0.40
CA LEU A 114 -6.92 -10.83 1.49
C LEU A 114 -6.26 -9.51 1.86
N LEU A 115 -4.94 -9.53 2.04
CA LEU A 115 -4.22 -8.32 2.42
C LEU A 115 -4.29 -7.27 1.32
N ALA A 116 -4.25 -7.70 0.05
CA ALA A 116 -4.36 -6.76 -1.05
C ALA A 116 -5.73 -6.08 -1.05
N ARG A 117 -6.79 -6.82 -0.73
CA ARG A 117 -8.11 -6.22 -0.68
C ARG A 117 -8.26 -5.30 0.52
N GLN A 118 -7.63 -5.65 1.64
CA GLN A 118 -7.81 -4.88 2.86
C GLN A 118 -6.97 -3.62 2.90
N VAL A 119 -5.80 -3.61 2.24
CA VAL A 119 -4.95 -2.42 2.25
C VAL A 119 -5.22 -1.47 1.10
N GLY A 120 -6.07 -1.86 0.16
CA GLY A 120 -6.52 -0.97 -0.89
C GLY A 120 -5.97 -1.22 -2.29
N VAL A 121 -5.39 -2.37 -2.55
CA VAL A 121 -4.90 -2.70 -3.89
C VAL A 121 -6.13 -2.95 -4.77
N PRO A 122 -6.42 -2.11 -5.77
CA PRO A 122 -7.73 -2.21 -6.43
C PRO A 122 -7.84 -3.23 -7.54
N TYR A 123 -6.72 -3.67 -8.13
CA TYR A 123 -6.79 -4.57 -9.29
C TYR A 123 -5.72 -5.64 -9.21
N ILE A 124 -6.00 -6.77 -9.86
CA ILE A 124 -5.17 -7.96 -9.77
C ILE A 124 -5.08 -8.61 -11.15
N VAL A 125 -3.86 -8.96 -11.54
CA VAL A 125 -3.61 -9.78 -12.73
C VAL A 125 -2.87 -11.02 -12.27
N VAL A 126 -3.16 -12.15 -12.91
CA VAL A 126 -2.68 -13.45 -12.47
C VAL A 126 -1.75 -14.02 -13.53
N PHE A 127 -0.53 -14.32 -13.14
CA PHE A 127 0.41 -15.06 -13.97
C PHE A 127 0.53 -16.47 -13.40
N LEU A 128 -0.15 -17.42 -14.04
CA LEU A 128 -0.07 -18.82 -13.64
C LEU A 128 1.26 -19.37 -14.14
N ASN A 129 2.20 -19.59 -13.22
CA ASN A 129 3.59 -19.78 -13.58
C ASN A 129 3.97 -21.27 -13.62
N LYS A 130 5.17 -21.53 -14.13
CA LYS A 130 5.76 -22.87 -14.12
C LYS A 130 4.93 -23.86 -14.94
N CYS A 131 4.24 -23.37 -15.97
CA CYS A 131 3.48 -24.25 -16.83
C CYS A 131 4.35 -25.13 -17.71
N ASP A 132 5.66 -24.89 -17.77
CA ASP A 132 6.55 -25.83 -18.43
C ASP A 132 6.76 -27.10 -17.62
N MET A 133 6.29 -27.13 -16.36
CA MET A 133 6.38 -28.32 -15.53
C MET A 133 5.11 -29.15 -15.56
N VAL A 134 4.01 -28.62 -16.09
CA VAL A 134 2.73 -29.30 -16.10
C VAL A 134 2.32 -29.56 -17.55
N ASP A 135 1.77 -30.76 -17.79
CA ASP A 135 1.29 -31.15 -19.11
C ASP A 135 -0.21 -31.41 -19.14
N ASP A 136 -0.80 -31.85 -18.02
CA ASP A 136 -2.23 -32.05 -17.95
C ASP A 136 -2.96 -30.71 -18.02
N GLU A 137 -3.89 -30.58 -18.96
CA GLU A 137 -4.62 -29.34 -19.11
C GLU A 137 -5.81 -29.27 -18.16
N GLU A 138 -6.41 -30.42 -17.84
CA GLU A 138 -7.49 -30.44 -16.85
C GLU A 138 -7.00 -29.93 -15.51
N LEU A 139 -5.79 -30.30 -15.10
CA LEU A 139 -5.24 -29.83 -13.83
C LEU A 139 -5.05 -28.32 -13.86
N LEU A 140 -4.61 -27.77 -14.99
CA LEU A 140 -4.47 -26.32 -15.11
C LEU A 140 -5.83 -25.64 -15.05
N GLU A 141 -6.85 -26.23 -15.69
CA GLU A 141 -8.18 -25.65 -15.64
C GLU A 141 -8.71 -25.62 -14.21
N LEU A 142 -8.45 -26.66 -13.42
CA LEU A 142 -8.91 -26.67 -12.04
C LEU A 142 -8.16 -25.63 -11.22
N VAL A 143 -6.83 -25.60 -11.33
CA VAL A 143 -6.05 -24.61 -10.60
C VAL A 143 -6.55 -23.21 -10.91
N GLU A 144 -6.86 -22.94 -12.18
CA GLU A 144 -7.39 -21.63 -12.54
C GLU A 144 -8.74 -21.38 -11.86
N MET A 145 -9.59 -22.40 -11.80
CA MET A 145 -10.88 -22.24 -11.13
C MET A 145 -10.68 -21.93 -9.64
N GLU A 146 -9.73 -22.60 -8.99
CA GLU A 146 -9.47 -22.33 -7.59
C GLU A 146 -9.04 -20.88 -7.39
N VAL A 147 -8.20 -20.38 -8.29
CA VAL A 147 -7.69 -19.01 -8.17
C VAL A 147 -8.84 -18.01 -8.33
N ARG A 148 -9.69 -18.22 -9.33
CA ARG A 148 -10.81 -17.31 -9.56
C ARG A 148 -11.76 -17.30 -8.37
N GLU A 149 -12.11 -18.48 -7.85
CA GLU A 149 -12.98 -18.52 -6.68
C GLU A 149 -12.30 -17.90 -5.46
N LEU A 150 -10.99 -18.16 -5.29
CA LEU A 150 -10.27 -17.55 -4.18
C LEU A 150 -10.28 -16.03 -4.29
N LEU A 151 -10.13 -15.51 -5.50
CA LEU A 151 -10.20 -14.07 -5.72
C LEU A 151 -11.59 -13.54 -5.40
N SER A 152 -12.63 -14.24 -5.86
CA SER A 152 -13.99 -13.80 -5.61
C SER A 152 -14.32 -13.81 -4.12
N GLU A 153 -13.70 -14.72 -3.35
CA GLU A 153 -13.93 -14.76 -1.91
C GLU A 153 -13.54 -13.46 -1.23
N TYR A 154 -12.65 -12.67 -1.82
CA TYR A 154 -12.17 -11.43 -1.22
C TYR A 154 -12.51 -10.22 -2.09
N ASP A 155 -13.62 -10.31 -2.83
CA ASP A 155 -14.26 -9.20 -3.55
C ASP A 155 -13.56 -8.83 -4.85
N PHE A 156 -12.55 -9.57 -5.29
CA PHE A 156 -11.99 -9.28 -6.60
C PHE A 156 -12.84 -9.94 -7.68
N PRO A 157 -12.93 -9.33 -8.87
CA PRO A 157 -13.75 -9.94 -9.93
C PRO A 157 -13.08 -11.18 -10.51
N GLY A 158 -13.25 -12.32 -9.83
CA GLY A 158 -12.56 -13.53 -10.24
C GLY A 158 -12.91 -13.98 -11.64
N ASP A 159 -14.15 -13.73 -12.08
CA ASP A 159 -14.56 -14.15 -13.41
C ASP A 159 -13.97 -13.26 -14.50
N ASP A 160 -13.57 -12.03 -14.17
CA ASP A 160 -13.09 -11.07 -15.17
C ASP A 160 -11.58 -10.88 -15.15
N ILE A 161 -10.89 -11.39 -14.14
CA ILE A 161 -9.46 -11.07 -13.99
C ILE A 161 -8.66 -11.85 -15.03
N PRO A 162 -7.74 -11.21 -15.75
CA PRO A 162 -6.93 -11.95 -16.73
C PRO A 162 -5.95 -12.91 -16.05
N ILE A 163 -5.82 -14.10 -16.63
CA ILE A 163 -4.90 -15.12 -16.16
C ILE A 163 -4.08 -15.58 -17.36
N ILE A 164 -2.76 -15.41 -17.27
CA ILE A 164 -1.83 -15.82 -18.32
C ILE A 164 -1.01 -17.00 -17.81
N ARG A 165 -1.02 -18.09 -18.56
CA ARG A 165 -0.19 -19.25 -18.27
C ARG A 165 1.16 -19.07 -18.94
N GLY A 166 2.23 -19.10 -18.16
CA GLY A 166 3.56 -18.90 -18.69
C GLY A 166 4.62 -19.55 -17.84
N SER A 167 5.86 -19.40 -18.27
CA SER A 167 7.03 -19.90 -17.55
C SER A 167 8.02 -18.75 -17.42
N ALA A 168 8.09 -18.16 -16.22
CA ALA A 168 9.01 -17.05 -15.99
C ALA A 168 10.45 -17.46 -16.28
N LEU A 169 10.82 -18.70 -15.93
CA LEU A 169 12.21 -19.12 -16.11
C LEU A 169 12.53 -19.34 -17.58
N LYS A 170 11.75 -20.18 -18.26
CA LYS A 170 12.01 -20.45 -19.67
C LYS A 170 12.00 -19.16 -20.49
N ALA A 171 11.16 -18.19 -20.10
CA ALA A 171 11.20 -16.88 -20.76
C ALA A 171 12.45 -16.11 -20.37
N LEU A 172 12.94 -16.27 -19.14
CA LEU A 172 14.19 -15.64 -18.76
C LEU A 172 15.35 -16.15 -19.60
N GLU A 173 15.41 -17.46 -19.83
CA GLU A 173 16.50 -18.07 -20.56
C GLU A 173 16.43 -17.83 -22.06
N GLY A 174 15.34 -17.25 -22.55
CA GLY A 174 15.28 -16.76 -23.91
C GLY A 174 14.52 -17.60 -24.91
N ASP A 175 13.67 -18.52 -24.46
CA ASP A 175 12.86 -19.33 -25.37
C ASP A 175 11.71 -18.46 -25.85
N ALA A 176 11.72 -18.14 -27.15
CA ALA A 176 10.88 -17.06 -27.66
C ALA A 176 9.39 -17.36 -27.49
N GLU A 177 8.99 -18.62 -27.52
CA GLU A 177 7.56 -18.92 -27.39
C GLU A 177 7.07 -18.69 -25.97
N TRP A 178 7.94 -18.89 -24.97
CA TRP A 178 7.58 -18.56 -23.60
C TRP A 178 7.66 -17.06 -23.34
N GLU A 179 8.54 -16.35 -24.04
CA GLU A 179 8.62 -14.91 -23.90
C GLU A 179 7.33 -14.23 -24.34
N ASP A 180 6.61 -14.85 -25.29
CA ASP A 180 5.37 -14.26 -25.76
C ASP A 180 4.30 -14.22 -24.68
N LYS A 181 4.35 -15.14 -23.71
CA LYS A 181 3.39 -15.08 -22.61
C LYS A 181 3.72 -13.92 -21.68
N ILE A 182 4.99 -13.50 -21.64
CA ILE A 182 5.33 -12.29 -20.89
C ILE A 182 4.70 -11.07 -21.55
N LEU A 183 4.79 -10.99 -22.88
CA LEU A 183 4.20 -9.87 -23.60
C LEU A 183 2.68 -9.87 -23.48
N GLU A 184 2.07 -11.05 -23.36
CA GLU A 184 0.63 -11.12 -23.14
C GLU A 184 0.26 -10.74 -21.72
N LEU A 185 1.12 -11.03 -20.74
CA LEU A 185 0.90 -10.51 -19.39
C LEU A 185 0.86 -9.00 -19.39
N MET A 186 1.90 -8.36 -19.95
CA MET A 186 1.95 -6.90 -19.98
C MET A 186 0.82 -6.33 -20.82
N ASP A 187 0.43 -7.03 -21.89
CA ASP A 187 -0.77 -6.63 -22.63
C ASP A 187 -1.99 -6.63 -21.73
N ALA A 188 -2.17 -7.71 -20.95
CA ALA A 188 -3.27 -7.77 -20.01
C ALA A 188 -3.16 -6.66 -18.96
N VAL A 189 -1.93 -6.31 -18.57
CA VAL A 189 -1.74 -5.27 -17.57
C VAL A 189 -2.08 -3.90 -18.17
N ASP A 190 -1.73 -3.69 -19.43
CA ASP A 190 -2.01 -2.41 -20.07
C ASP A 190 -3.51 -2.17 -20.21
N SER A 191 -4.29 -3.23 -20.47
CA SER A 191 -5.70 -3.08 -20.79
C SER A 191 -6.63 -3.33 -19.62
N TYR A 192 -6.19 -4.04 -18.59
CA TYR A 192 -7.05 -4.35 -17.46
C TYR A 192 -6.84 -3.42 -16.27
N ILE A 193 -5.61 -3.05 -15.96
CA ILE A 193 -5.34 -2.19 -14.81
C ILE A 193 -5.53 -0.74 -15.25
N PRO A 194 -6.49 0.00 -14.70
CA PRO A 194 -6.74 1.36 -15.18
C PRO A 194 -5.67 2.34 -14.69
N THR A 195 -5.59 3.47 -15.39
CA THR A 195 -4.62 4.50 -15.03
C THR A 195 -5.03 5.17 -13.73
N PRO A 196 -4.12 5.32 -12.76
CA PRO A 196 -4.54 5.84 -11.46
C PRO A 196 -4.92 7.31 -11.51
N GLU A 197 -5.81 7.69 -10.59
CA GLU A 197 -6.11 9.09 -10.37
C GLU A 197 -4.88 9.81 -9.82
N ARG A 198 -4.71 11.07 -10.21
CA ARG A 198 -3.60 11.87 -9.70
C ARG A 198 -3.89 12.38 -8.30
N ASP A 199 -2.86 12.40 -7.46
CA ASP A 199 -3.00 12.92 -6.11
C ASP A 199 -3.56 14.32 -6.12
N ILE A 200 -3.30 15.08 -7.19
CA ILE A 200 -3.76 16.47 -7.26
C ILE A 200 -5.18 16.59 -7.79
N ASP A 201 -5.73 15.51 -8.35
CA ASP A 201 -7.16 15.49 -8.66
C ASP A 201 -8.00 15.28 -7.40
N LYS A 202 -7.40 14.78 -6.32
CA LYS A 202 -8.13 14.42 -5.12
C LYS A 202 -8.40 15.63 -4.24
N PRO A 203 -9.33 15.51 -3.29
CA PRO A 203 -9.55 16.60 -2.33
C PRO A 203 -8.26 16.97 -1.61
N PHE A 204 -8.14 18.26 -1.30
CA PHE A 204 -6.90 18.78 -0.74
C PHE A 204 -6.75 18.32 0.71
N LEU A 205 -5.50 18.08 1.11
CA LEU A 205 -5.24 17.51 2.42
C LEU A 205 -3.81 17.84 2.79
N MET A 206 -3.63 18.53 3.91
CA MET A 206 -2.30 18.86 4.39
C MET A 206 -2.21 18.62 5.90
N PRO A 207 -1.40 17.67 6.36
CA PRO A 207 -1.20 17.53 7.81
C PRO A 207 -0.50 18.75 8.38
N ILE A 208 -0.94 19.15 9.57
CA ILE A 208 -0.41 20.31 10.27
C ILE A 208 0.73 19.88 11.18
N GLU A 209 1.89 20.50 11.02
CA GLU A 209 3.07 20.17 11.80
C GLU A 209 3.41 21.22 12.85
N ASP A 210 3.49 22.49 12.45
CA ASP A 210 3.75 23.58 13.37
C ASP A 210 2.70 24.67 13.18
N VAL A 211 2.57 25.52 14.20
CA VAL A 211 1.60 26.61 14.21
C VAL A 211 2.29 27.83 14.80
N PHE A 212 2.51 28.85 13.98
CA PHE A 212 3.22 30.05 14.39
C PHE A 212 2.25 31.23 14.47
N SER A 213 2.79 32.39 14.87
CA SER A 213 2.05 33.64 14.87
C SER A 213 3.06 34.76 14.69
N ILE A 214 3.24 35.20 13.45
CA ILE A 214 4.20 36.24 13.11
C ILE A 214 3.46 37.55 12.89
N SER A 215 3.90 38.61 13.57
CA SER A 215 3.27 39.91 13.42
C SER A 215 3.35 40.36 11.97
N GLY A 216 2.20 40.64 11.37
CA GLY A 216 2.11 40.98 9.96
C GLY A 216 1.70 39.83 9.07
N ARG A 217 1.46 38.65 9.63
CA ARG A 217 1.02 37.50 8.84
C ARG A 217 -0.03 36.66 9.55
N GLY A 218 -0.53 37.11 10.71
CA GLY A 218 -1.49 36.32 11.45
C GLY A 218 -0.92 34.97 11.80
N THR A 219 -1.77 33.95 11.69
CA THR A 219 -1.38 32.59 12.04
C THR A 219 -0.88 31.86 10.79
N VAL A 220 0.26 31.20 10.91
CA VAL A 220 0.85 30.42 9.83
C VAL A 220 0.85 28.96 10.23
N VAL A 221 0.46 28.09 9.30
CA VAL A 221 0.40 26.66 9.51
C VAL A 221 1.26 25.97 8.46
N THR A 222 2.19 25.14 8.92
CA THR A 222 3.20 24.52 8.05
C THR A 222 2.91 23.04 7.90
N GLY A 223 3.17 22.52 6.71
CA GLY A 223 2.96 21.11 6.47
C GLY A 223 3.38 20.72 5.07
N ARG A 224 3.05 19.47 4.71
CA ARG A 224 3.30 18.93 3.39
C ARG A 224 1.97 18.49 2.79
N VAL A 225 1.62 19.07 1.64
CA VAL A 225 0.38 18.73 0.96
C VAL A 225 0.40 17.24 0.63
N GLU A 226 -0.41 16.45 1.34
CA GLU A 226 -0.55 15.04 1.01
C GLU A 226 -1.06 14.88 -0.42
N ARG A 227 -2.07 15.67 -0.79
CA ARG A 227 -2.73 15.49 -2.07
C ARG A 227 -3.52 16.76 -2.38
N GLY A 228 -4.03 16.84 -3.61
CA GLY A 228 -4.86 17.96 -3.99
C GLY A 228 -4.04 19.23 -4.19
N ILE A 229 -4.75 20.35 -4.16
CA ILE A 229 -4.14 21.66 -4.37
C ILE A 229 -4.96 22.71 -3.64
N VAL A 230 -4.28 23.71 -3.09
CA VAL A 230 -4.92 24.83 -2.43
C VAL A 230 -4.37 26.12 -3.02
N LYS A 231 -5.25 27.09 -3.25
CA LYS A 231 -4.91 28.36 -3.86
C LYS A 231 -5.27 29.49 -2.89
N VAL A 232 -5.09 30.72 -3.35
CA VAL A 232 -5.33 31.89 -2.50
C VAL A 232 -6.82 32.08 -2.29
N GLY A 233 -7.21 32.38 -1.06
CA GLY A 233 -8.57 32.75 -0.74
C GLY A 233 -9.57 31.61 -0.64
N GLU A 234 -9.12 30.36 -0.77
CA GLU A 234 -10.03 29.23 -0.66
C GLU A 234 -10.37 28.96 0.80
N GLU A 235 -11.60 28.54 1.04
CA GLU A 235 -12.05 28.16 2.37
C GLU A 235 -11.72 26.70 2.62
N VAL A 236 -11.07 26.42 3.74
CA VAL A 236 -10.70 25.07 4.11
C VAL A 236 -11.21 24.78 5.52
N GLU A 237 -11.36 23.49 5.80
CA GLU A 237 -11.73 23.03 7.13
C GLU A 237 -10.50 22.53 7.87
N ILE A 238 -10.58 22.61 9.21
CA ILE A 238 -9.55 22.07 10.10
C ILE A 238 -10.20 20.92 10.85
N VAL A 239 -9.69 19.71 10.61
CA VAL A 239 -10.38 18.49 11.01
C VAL A 239 -9.46 17.67 11.91
N GLY A 240 -10.02 17.15 12.98
CA GLY A 240 -9.32 16.24 13.88
C GLY A 240 -9.16 16.85 15.25
N ILE A 241 -9.25 16.00 16.27
CA ILE A 241 -8.96 16.36 17.65
C ILE A 241 -10.07 17.24 18.21
N LYS A 242 -10.15 18.50 17.75
CA LYS A 242 -11.19 19.40 18.22
C LYS A 242 -12.40 19.34 17.29
N ASP A 243 -13.38 20.19 17.57
CA ASP A 243 -14.47 20.41 16.64
C ASP A 243 -13.93 20.92 15.31
N THR A 244 -14.54 20.46 14.22
CA THR A 244 -14.20 20.98 12.91
C THR A 244 -14.57 22.46 12.84
N GLN A 245 -13.70 23.25 12.23
CA GLN A 245 -13.94 24.68 12.05
C GLN A 245 -13.45 25.11 10.68
N LYS A 246 -13.99 26.23 10.22
CA LYS A 246 -13.72 26.74 8.88
C LYS A 246 -12.73 27.89 8.92
N THR A 247 -12.04 28.11 7.80
CA THR A 247 -11.10 29.21 7.67
C THR A 247 -10.77 29.39 6.20
N THR A 248 -10.24 30.57 5.88
CA THR A 248 -9.82 30.91 4.54
C THR A 248 -8.31 30.98 4.48
N VAL A 249 -7.75 30.52 3.36
CA VAL A 249 -6.30 30.55 3.14
C VAL A 249 -5.96 31.91 2.52
N THR A 250 -5.22 32.73 3.27
CA THR A 250 -4.79 34.02 2.75
C THR A 250 -3.68 33.86 1.71
N GLY A 251 -2.73 32.96 1.97
CA GLY A 251 -1.65 32.76 1.03
C GLY A 251 -0.85 31.53 1.39
N VAL A 252 -0.12 31.04 0.39
CA VAL A 252 0.79 29.90 0.54
C VAL A 252 2.20 30.41 0.27
N GLU A 253 3.08 30.29 1.27
CA GLU A 253 4.39 30.92 1.21
C GLU A 253 5.52 29.95 0.91
N MET A 254 5.38 28.66 1.22
CA MET A 254 6.43 27.70 0.91
C MET A 254 7.76 28.14 1.49
N VAL A 255 5.73 24.41 3.10
CA VAL A 255 4.47 25.02 2.73
C VAL A 255 3.78 25.59 3.95
N GLY A 256 3.98 26.89 4.15
CA GLY A 256 3.27 27.62 5.18
C GLY A 256 2.01 28.23 4.63
N ALA A 257 0.87 27.84 5.19
CA ALA A 257 -0.42 28.40 4.81
C ALA A 257 -0.85 29.42 5.85
N LEU A 258 -1.11 30.64 5.40
CA LEU A 258 -1.57 31.70 6.29
C LEU A 258 -3.08 31.59 6.42
N LEU A 259 -3.56 31.24 7.60
CA LEU A 259 -4.99 31.13 7.86
C LEU A 259 -5.53 32.51 8.26
N ARG A 260 -6.61 32.92 7.58
CA ARG A 260 -7.06 34.31 7.67
C ARG A 260 -7.50 34.66 9.09
N GLY A 261 -8.37 33.85 9.68
CA GLY A 261 -9.00 34.21 10.94
C GLY A 261 -9.04 33.11 11.98
N THR A 262 -7.99 32.29 12.04
CA THR A 262 -7.83 31.30 13.10
C THR A 262 -6.72 31.75 14.03
N LYS A 263 -7.01 31.82 15.31
CA LYS A 263 -6.00 32.15 16.29
C LYS A 263 -5.12 30.94 16.58
N ARG A 264 -3.99 31.21 17.23
CA ARG A 264 -2.93 30.20 17.32
C ARG A 264 -3.33 29.04 18.24
N GLU A 265 -4.04 29.33 19.32
CA GLU A 265 -4.43 28.23 20.22
C GLU A 265 -5.65 27.46 19.72
N ASP A 266 -6.28 27.92 18.64
CA ASP A 266 -7.39 27.19 18.02
C ASP A 266 -6.91 26.18 16.98
N VAL A 267 -5.61 26.09 16.73
CA VAL A 267 -5.04 25.14 15.80
C VAL A 267 -3.84 24.46 16.47
N GLU A 268 -3.65 23.18 16.19
CA GLU A 268 -2.54 22.44 16.79
C GLU A 268 -2.06 21.38 15.81
N ARG A 269 -0.89 20.83 16.10
CA ARG A 269 -0.37 19.70 15.35
C ARG A 269 -1.30 18.50 15.52
N GLY A 270 -1.44 17.70 14.46
CA GLY A 270 -2.27 16.51 14.51
C GLY A 270 -3.48 16.58 13.61
N GLN A 271 -4.12 17.75 13.55
CA GLN A 271 -5.24 17.98 12.65
C GLN A 271 -4.73 18.36 11.26
N VAL A 272 -5.64 18.39 10.29
CA VAL A 272 -5.27 18.57 8.90
C VAL A 272 -6.11 19.69 8.30
N LEU A 273 -5.57 20.32 7.25
CA LEU A 273 -6.36 21.19 6.39
C LEU A 273 -6.93 20.35 5.25
N ALA A 274 -8.21 20.53 4.96
CA ALA A 274 -8.88 19.74 3.94
C ALA A 274 -9.88 20.61 3.18
N LYS A 275 -10.17 20.22 1.95
CA LYS A 275 -11.30 20.81 1.25
C LYS A 275 -12.57 20.49 2.02
N PRO A 276 -13.42 21.48 2.32
CA PRO A 276 -14.55 21.22 3.21
C PRO A 276 -15.37 20.02 2.77
N GLY A 277 -15.74 19.18 3.74
CA GLY A 277 -16.59 18.04 3.47
C GLY A 277 -15.93 16.89 2.76
N SER A 278 -14.59 16.85 2.73
CA SER A 278 -13.86 15.80 2.04
C SER A 278 -13.36 14.70 2.98
N ILE A 279 -12.98 15.06 4.21
CA ILE A 279 -12.54 14.09 5.21
C ILE A 279 -13.17 14.46 6.54
N THR A 280 -13.50 13.45 7.34
CA THR A 280 -14.25 13.63 8.56
C THR A 280 -13.49 13.03 9.74
N PRO A 281 -13.82 13.43 10.96
CA PRO A 281 -13.14 12.88 12.14
C PRO A 281 -13.81 11.64 12.68
N HIS A 282 -13.00 10.69 13.14
CA HIS A 282 -13.50 9.44 13.69
C HIS A 282 -12.61 8.97 14.82
N THR A 283 -13.19 8.16 15.70
CA THR A 283 -12.45 7.49 16.77
C THR A 283 -12.38 5.98 16.62
N LYS A 284 -13.34 5.37 15.94
CA LYS A 284 -13.44 3.92 15.82
C LYS A 284 -13.11 3.49 14.40
N PHE A 285 -12.25 2.50 14.27
CA PHE A 285 -11.90 1.97 12.96
C PHE A 285 -11.32 0.58 13.11
N GLU A 286 -11.38 -0.17 12.01
CA GLU A 286 -10.67 -1.44 11.89
C GLU A 286 -9.40 -1.22 11.07
N ALA A 287 -8.40 -2.05 11.32
CA ALA A 287 -7.10 -1.88 10.69
C ALA A 287 -6.40 -3.21 10.56
N GLU A 288 -5.64 -3.35 9.47
CA GLU A 288 -4.71 -4.45 9.31
C GLU A 288 -3.36 -4.02 9.85
N VAL A 289 -2.86 -4.75 10.85
CA VAL A 289 -1.71 -4.33 11.63
C VAL A 289 -0.64 -5.40 11.58
N TYR A 290 0.61 -4.99 11.41
CA TYR A 290 1.75 -5.87 11.55
C TYR A 290 2.47 -5.55 12.85
N VAL A 291 2.76 -6.57 13.64
CA VAL A 291 3.46 -6.41 14.91
C VAL A 291 4.93 -6.72 14.69
N LEU A 292 5.79 -5.79 15.09
CA LEU A 292 7.23 -5.97 14.90
C LEU A 292 7.72 -7.20 15.67
N SER A 293 8.61 -7.96 15.03
CA SER A 293 9.22 -9.10 15.68
C SER A 293 10.25 -8.63 16.71
N LYS A 294 10.73 -9.59 17.50
CA LYS A 294 11.69 -9.26 18.56
C LYS A 294 12.98 -8.69 17.97
N GLU A 295 13.50 -9.29 16.90
CA GLU A 295 14.78 -8.88 16.35
C GLU A 295 14.71 -7.54 15.62
N GLU A 296 13.51 -7.00 15.40
CA GLU A 296 13.34 -5.69 14.77
C GLU A 296 13.28 -4.56 15.80
N GLY A 297 13.65 -4.83 17.05
CA GLY A 297 13.55 -3.83 18.09
C GLY A 297 12.14 -3.42 18.41
N GLY A 298 11.19 -4.35 18.26
CA GLY A 298 9.78 -4.03 18.48
C GLY A 298 9.30 -4.31 19.88
N ARG A 299 9.07 -5.58 20.18
CA ARG A 299 8.37 -5.96 21.41
C ARG A 299 8.53 -7.46 21.64
N HIS A 300 8.92 -7.85 22.86
CA HIS A 300 9.12 -9.24 23.19
C HIS A 300 7.94 -9.87 23.92
N THR A 301 6.84 -9.14 24.07
CA THR A 301 5.60 -9.69 24.60
C THR A 301 4.47 -9.43 23.61
N PRO A 302 3.41 -10.22 23.64
CA PRO A 302 2.36 -10.12 22.62
C PRO A 302 1.41 -8.96 22.86
N PHE A 303 0.76 -8.54 21.78
CA PHE A 303 -0.41 -7.68 21.90
C PHE A 303 -1.52 -8.41 22.66
N PHE A 304 -2.52 -7.65 23.09
CA PHE A 304 -3.63 -8.24 23.84
C PHE A 304 -4.82 -7.30 23.77
N ASN A 305 -6.01 -7.86 23.97
CA ASN A 305 -7.21 -7.05 24.03
C ASN A 305 -7.14 -6.12 25.23
N GLY A 306 -7.55 -4.87 25.02
CA GLY A 306 -7.42 -3.84 26.03
C GLY A 306 -6.09 -3.12 26.00
N TYR A 307 -5.10 -3.64 25.27
CA TYR A 307 -3.85 -2.93 25.04
C TYR A 307 -4.15 -1.48 24.65
N ARG A 308 -3.38 -0.56 25.21
CA ARG A 308 -3.61 0.87 25.00
C ARG A 308 -2.29 1.55 24.62
N PRO A 309 -1.84 1.37 23.37
CA PRO A 309 -0.66 2.10 22.89
C PRO A 309 -1.06 3.41 22.23
N GLN A 310 -0.11 4.08 21.59
CA GLN A 310 -0.40 5.29 20.82
C GLN A 310 -0.40 4.97 19.33
N PHE A 311 -1.28 5.63 18.60
CA PHE A 311 -1.38 5.46 17.15
C PHE A 311 -0.94 6.77 16.49
N TYR A 312 0.23 6.73 15.84
CA TYR A 312 0.80 7.93 15.23
C TYR A 312 0.17 8.15 13.87
N PHE A 313 -0.70 9.15 13.77
CA PHE A 313 -1.39 9.49 12.53
C PHE A 313 -0.79 10.77 11.98
N ARG A 314 0.05 10.64 10.95
CA ARG A 314 0.60 11.77 10.22
C ARG A 314 1.62 12.54 11.05
N THR A 315 1.19 13.15 12.16
CA THR A 315 2.05 14.08 12.89
C THR A 315 2.07 13.89 14.41
N THR A 316 1.11 13.19 15.01
CA THR A 316 1.06 13.10 16.47
C THR A 316 0.61 11.72 16.91
N ASP A 317 0.92 11.41 18.17
CA ASP A 317 0.44 10.19 18.82
C ASP A 317 -0.96 10.40 19.37
N VAL A 318 -1.82 9.39 19.19
CA VAL A 318 -3.14 9.37 19.78
C VAL A 318 -3.36 8.01 20.42
N THR A 319 -3.54 8.00 21.74
CA THR A 319 -3.77 6.75 22.44
C THR A 319 -5.08 6.12 22.00
N GLY A 320 -5.11 4.78 22.01
CA GLY A 320 -6.30 4.05 21.64
C GLY A 320 -6.26 2.64 22.20
N VAL A 321 -7.45 2.08 22.40
CA VAL A 321 -7.60 0.75 22.99
C VAL A 321 -7.81 -0.26 21.87
N ILE A 322 -7.19 -1.44 22.01
CA ILE A 322 -7.11 -2.44 20.95
C ILE A 322 -8.11 -3.55 21.21
N GLU A 323 -8.59 -4.14 20.12
CA GLU A 323 -9.56 -5.24 20.18
C GLU A 323 -9.26 -6.18 19.03
N LEU A 324 -8.99 -7.44 19.34
CA LEU A 324 -8.51 -8.42 18.38
C LEU A 324 -9.65 -9.31 17.90
N PRO A 325 -9.45 -10.05 16.81
CA PRO A 325 -10.57 -10.80 16.23
C PRO A 325 -11.10 -11.86 17.18
N GLU A 326 -12.31 -12.34 16.88
CA GLU A 326 -12.94 -13.35 17.73
C GLU A 326 -12.07 -14.59 17.81
N GLY A 327 -11.84 -15.06 19.05
CA GLY A 327 -11.01 -16.21 19.29
C GLY A 327 -9.54 -15.89 19.50
N VAL A 328 -9.10 -14.68 19.20
CA VAL A 328 -7.72 -14.25 19.38
C VAL A 328 -7.62 -13.50 20.70
N GLU A 329 -6.59 -13.83 21.48
CA GLU A 329 -6.29 -13.14 22.73
C GLU A 329 -4.90 -12.53 22.75
N MET A 330 -3.92 -13.19 22.12
CA MET A 330 -2.56 -12.68 22.02
C MET A 330 -2.12 -12.69 20.56
N VAL A 331 -1.26 -11.74 20.21
CA VAL A 331 -0.65 -11.66 18.89
C VAL A 331 0.85 -11.62 19.08
N MET A 332 1.56 -12.62 18.53
CA MET A 332 2.99 -12.72 18.76
C MET A 332 3.74 -11.65 17.96
N PRO A 333 4.93 -11.26 18.43
CA PRO A 333 5.79 -10.40 17.61
C PRO A 333 6.13 -11.08 16.28
N GLY A 334 6.09 -10.30 15.21
CA GLY A 334 6.30 -10.81 13.88
C GLY A 334 5.04 -11.21 13.14
N ASP A 335 3.93 -11.37 13.84
CA ASP A 335 2.65 -11.69 13.23
C ASP A 335 1.91 -10.42 12.83
N ASN A 336 0.90 -10.58 11.99
CA ASN A 336 -0.02 -9.51 11.65
C ASN A 336 -1.44 -9.97 11.95
N VAL A 337 -2.36 -9.00 12.03
CA VAL A 337 -3.73 -9.29 12.42
C VAL A 337 -4.58 -8.09 12.05
N LYS A 338 -5.89 -8.28 12.01
CA LYS A 338 -6.86 -7.20 11.87
C LYS A 338 -7.41 -6.89 13.25
N MET A 339 -7.49 -5.60 13.58
CA MET A 339 -7.91 -5.18 14.92
C MET A 339 -8.89 -4.03 14.82
N THR A 340 -9.69 -3.88 15.88
CA THR A 340 -10.54 -2.72 16.08
C THR A 340 -9.90 -1.79 17.10
N VAL A 341 -9.91 -0.50 16.81
CA VAL A 341 -9.26 0.50 17.65
C VAL A 341 -10.26 1.59 17.98
N GLU A 342 -10.30 1.99 19.26
CA GLU A 342 -11.08 3.13 19.71
C GLU A 342 -10.12 4.14 20.30
N LEU A 343 -9.97 5.28 19.61
CA LEU A 343 -9.00 6.28 20.01
C LEU A 343 -9.59 7.20 21.09
N ILE A 344 -8.69 7.82 21.86
CA ILE A 344 -9.12 8.76 22.89
C ILE A 344 -9.77 9.99 22.25
N ALA A 345 -9.32 10.37 21.06
CA ALA A 345 -9.77 11.60 20.42
C ALA A 345 -9.91 11.38 18.93
N PRO A 346 -10.77 12.16 18.26
CA PRO A 346 -11.02 11.90 16.83
C PRO A 346 -9.87 12.36 15.95
N ILE A 347 -9.72 11.66 14.82
CA ILE A 347 -8.66 11.93 13.86
C ILE A 347 -9.25 11.95 12.46
N ALA A 348 -8.83 12.91 11.65
CA ALA A 348 -9.21 12.93 10.25
C ALA A 348 -8.77 11.62 9.60
N MET A 349 -9.73 10.76 9.28
CA MET A 349 -9.43 9.37 8.96
C MET A 349 -10.17 8.95 7.70
N GLU A 350 -9.51 8.06 6.95
CA GLU A 350 -10.06 7.54 5.70
C GLU A 350 -9.52 6.13 5.52
N GLU A 351 -10.19 5.37 4.66
CA GLU A 351 -9.67 4.05 4.30
C GLU A 351 -8.36 4.20 3.54
N GLY A 352 -7.32 3.52 4.02
CA GLY A 352 -6.00 3.59 3.42
C GLY A 352 -5.00 4.42 4.20
N LEU A 353 -5.42 5.14 5.23
CA LEU A 353 -4.51 5.97 6.01
C LEU A 353 -3.54 5.08 6.80
N ARG A 354 -2.25 5.31 6.59
CA ARG A 354 -1.23 4.59 7.32
C ARG A 354 -1.05 5.17 8.72
N PHE A 355 -0.48 4.35 9.61
CA PHE A 355 -0.19 4.80 10.96
C PHE A 355 0.79 3.83 11.60
N ALA A 356 1.59 4.36 12.51
CA ALA A 356 2.48 3.55 13.34
C ALA A 356 1.86 3.34 14.71
N ILE A 357 2.22 2.25 15.35
CA ILE A 357 1.77 1.92 16.70
C ILE A 357 2.99 1.93 17.60
N ARG A 358 2.95 2.76 18.64
CA ARG A 358 4.12 3.02 19.47
C ARG A 358 3.75 2.97 20.94
N GLU A 359 4.75 2.63 21.77
CA GLU A 359 4.63 2.63 23.22
C GLU A 359 5.74 3.52 23.77
N GLY A 360 5.38 4.66 24.34
CA GLY A 360 6.39 5.66 24.65
C GLY A 360 7.00 6.11 23.35
N GLY A 361 8.31 5.93 23.23
CA GLY A 361 9.02 6.31 22.03
C GLY A 361 9.04 5.24 20.95
N ARG A 362 8.96 3.97 21.33
CA ARG A 362 9.35 2.90 20.44
C ARG A 362 8.18 2.44 19.58
N THR A 363 8.50 2.03 18.36
CA THR A 363 7.53 1.49 17.41
C THR A 363 7.38 -0.01 17.66
N VAL A 364 6.16 -0.45 17.96
CA VAL A 364 5.86 -1.88 18.12
C VAL A 364 4.95 -2.42 17.03
N GLY A 365 4.40 -1.57 16.17
CA GLY A 365 3.52 -2.04 15.11
C GLY A 365 3.32 -0.99 14.04
N ALA A 366 2.69 -1.44 12.96
CA ALA A 366 2.30 -0.58 11.84
C ALA A 366 0.98 -1.07 11.30
N GLY A 367 0.20 -0.17 10.69
CA GLY A 367 -1.12 -0.56 10.25
C GLY A 367 -1.68 0.34 9.18
N VAL A 368 -2.82 -0.11 8.63
CA VAL A 368 -3.60 0.64 7.65
C VAL A 368 -5.04 0.65 8.12
N VAL A 369 -5.69 1.82 8.02
CA VAL A 369 -7.13 1.89 8.23
C VAL A 369 -7.82 1.18 7.08
N SER A 370 -8.59 0.14 7.39
CA SER A 370 -9.31 -0.63 6.38
C SER A 370 -10.82 -0.43 6.41
N LYS A 371 -11.37 0.08 7.51
CA LYS A 371 -12.80 0.29 7.63
C LYS A 371 -13.06 1.37 8.66
N ILE A 372 -14.03 2.23 8.39
CA ILE A 372 -14.42 3.30 9.30
C ILE A 372 -15.68 2.86 10.04
N ILE A 373 -15.82 3.30 11.28
CA ILE A 373 -17.01 3.01 12.06
C ILE A 373 -17.53 4.31 12.68
MG MG B . 12.49 -14.65 -4.92
PB GDP C . 9.71 -16.30 -5.37
O1B GDP C . 10.27 -16.75 -4.04
O2B GDP C . 8.22 -16.17 -5.27
O3B GDP C . 10.32 -14.96 -5.74
O3A GDP C . 10.08 -17.38 -6.50
PA GDP C . 11.56 -17.48 -7.13
O1A GDP C . 12.64 -17.24 -6.10
O2A GDP C . 11.69 -16.53 -8.29
O5' GDP C . 11.59 -19.01 -7.65
C5' GDP C . 12.20 -20.02 -6.85
C4' GDP C . 12.65 -21.15 -7.76
O4' GDP C . 11.64 -21.42 -8.72
C3' GDP C . 13.90 -20.74 -8.51
O3' GDP C . 14.95 -21.69 -8.23
C2' GDP C . 13.50 -20.69 -9.97
O2' GDP C . 14.50 -21.24 -10.85
C1' GDP C . 12.21 -21.49 -10.02
N9 GDP C . 11.27 -20.95 -11.03
C8 GDP C . 10.71 -19.72 -11.06
N7 GDP C . 9.89 -19.58 -12.13
C5 GDP C . 9.89 -20.75 -12.80
C6 GDP C . 9.25 -21.30 -14.00
O6 GDP C . 8.46 -20.61 -14.69
N1 GDP C . 9.53 -22.56 -14.35
C2 GDP C . 10.37 -23.33 -13.64
N2 GDP C . 10.59 -24.59 -14.05
N3 GDP C . 11.00 -22.90 -12.52
C4 GDP C . 10.81 -21.64 -12.06
H4' GDP C . 12.85 -22.05 -7.15
H3' GDP C . 14.20 -19.73 -8.18
HO3' GDP C . 15.76 -21.40 -8.67
H2' GDP C . 13.29 -19.65 -10.25
HO2' GDP C . 15.32 -20.75 -10.74
H1' GDP C . 12.45 -22.53 -10.27
H8 GDP C . 10.92 -18.93 -10.34
HN1 GDP C . 9.07 -22.96 -15.20
HN21 GDP C . 11.22 -25.19 -13.53
HN22 GDP C . 10.14 -24.94 -14.88
#